data_2OZJ
#
_entry.id   2OZJ
#
_cell.length_a   40.930
_cell.length_b   69.790
_cell.length_c   150.520
_cell.angle_alpha   90.00
_cell.angle_beta   90.00
_cell.angle_gamma   90.00
#
_symmetry.space_group_name_H-M   'C 2 2 21'
#
loop_
_entity.id
_entity.type
_entity.pdbx_description
1 polymer 'Cupin 2, conserved barrel'
2 non-polymer GLYCEROL
3 water water
#
_entity_poly.entity_id   1
_entity_poly.type   'polypeptide(L)'
_entity_poly.pdbx_seq_one_letter_code
;G(MSE)ARLKNLPQERPLPLASLIEARENQVLS(MSE)ALAQSDRVQISLFSFADGESVSEEEYFGDTLYLILQGEAVIT
FDDQKIDLVPEDVL(MSE)VPAHKIHAIAGKGRFK(MSE)LQITLIDEER
;
_entity_poly.pdbx_strand_id   A,B
#
loop_
_chem_comp.id
_chem_comp.type
_chem_comp.name
_chem_comp.formula
GOL non-polymer GLYCEROL 'C3 H8 O3'
#
# COMPACT_ATOMS: atom_id res chain seq x y z
N MSE A 2 1.75 7.47 -22.06
CA MSE A 2 2.14 6.16 -22.67
C MSE A 2 2.08 5.01 -21.67
O MSE A 2 2.51 5.14 -20.54
CB MSE A 2 3.56 6.21 -23.25
CG MSE A 2 4.22 4.80 -23.42
SE MSE A 2 6.09 4.75 -24.01
CE MSE A 2 6.97 4.72 -22.31
N ALA A 3 1.62 3.85 -22.12
CA ALA A 3 1.66 2.64 -21.33
C ALA A 3 3.07 2.02 -21.37
N ARG A 4 3.63 1.69 -20.20
N ARG A 4 3.63 1.73 -20.19
CA ARG A 4 4.94 1.06 -20.13
CA ARG A 4 4.96 1.10 -20.07
C ARG A 4 5.11 0.17 -18.93
C ARG A 4 4.94 0.02 -19.01
N LEU A 5 5.93 -0.88 -19.09
CA LEU A 5 6.26 -1.75 -18.00
C LEU A 5 7.46 -1.12 -17.36
N LYS A 6 7.64 -1.38 -16.08
CA LYS A 6 8.72 -0.80 -15.30
C LYS A 6 9.07 -1.64 -14.07
N ASN A 7 10.23 -1.30 -13.49
CA ASN A 7 10.74 -1.90 -12.29
C ASN A 7 10.98 -3.40 -12.38
N LEU A 8 11.37 -3.83 -13.59
CA LEU A 8 11.62 -5.24 -13.90
C LEU A 8 12.97 -5.38 -14.58
N PRO A 9 13.66 -6.51 -14.32
CA PRO A 9 14.97 -6.60 -14.99
C PRO A 9 14.89 -6.72 -16.51
N GLN A 10 15.82 -6.08 -17.20
CA GLN A 10 15.89 -6.13 -18.64
C GLN A 10 17.15 -6.81 -19.13
N GLU A 11 18.17 -6.91 -18.29
CA GLU A 11 19.40 -7.55 -18.73
C GLU A 11 19.79 -8.81 -17.97
N ARG A 12 19.42 -8.92 -16.69
CA ARG A 12 19.67 -10.17 -15.96
C ARG A 12 18.36 -10.61 -15.32
N PRO A 13 17.84 -11.77 -15.73
CA PRO A 13 16.58 -12.26 -15.21
CA PRO A 13 16.58 -12.25 -15.18
C PRO A 13 16.69 -12.56 -13.70
N LEU A 14 15.60 -12.35 -13.00
CA LEU A 14 15.52 -12.61 -11.59
C LEU A 14 14.17 -13.24 -11.34
N PRO A 15 14.07 -14.04 -10.28
CA PRO A 15 12.80 -14.53 -9.85
C PRO A 15 11.96 -13.37 -9.37
N LEU A 16 10.68 -13.41 -9.68
CA LEU A 16 9.81 -12.36 -9.39
C LEU A 16 9.69 -12.10 -7.87
N ALA A 17 9.70 -13.19 -7.10
CA ALA A 17 9.66 -13.10 -5.64
C ALA A 17 10.85 -12.33 -5.07
N SER A 18 11.98 -12.38 -5.76
CA SER A 18 13.19 -11.73 -5.28
C SER A 18 13.13 -10.19 -5.42
N LEU A 19 12.15 -9.64 -6.12
CA LEU A 19 12.08 -8.21 -6.38
C LEU A 19 11.40 -7.43 -5.23
N ILE A 20 10.82 -8.16 -4.27
CA ILE A 20 10.16 -7.53 -3.11
C ILE A 20 10.47 -8.33 -1.83
N GLU A 21 10.76 -7.64 -0.74
CA GLU A 21 10.89 -8.32 0.55
C GLU A 21 9.54 -8.62 1.17
N ALA A 22 9.52 -9.47 2.19
CA ALA A 22 8.33 -9.68 2.96
CA ALA A 22 8.30 -9.75 2.99
C ALA A 22 8.70 -9.27 4.41
C ALA A 22 8.51 -9.58 4.47
N ARG A 23 7.75 -8.66 5.09
N ARG A 23 7.83 -8.59 5.03
CA ARG A 23 7.97 -8.17 6.43
C ARG A 23 6.78 -8.61 7.26
N GLU A 24 7.00 -8.81 8.55
CA GLU A 24 5.95 -9.22 9.46
C GLU A 24 4.94 -8.09 9.69
N ASN A 25 5.45 -6.88 9.82
CA ASN A 25 4.63 -5.79 10.34
C ASN A 25 4.46 -4.63 9.38
N GLN A 26 5.02 -4.76 8.18
CA GLN A 26 4.94 -3.73 7.14
C GLN A 26 4.35 -4.32 5.88
N VAL A 27 3.71 -3.44 5.11
CA VAL A 27 3.16 -3.78 3.82
C VAL A 27 4.06 -3.13 2.78
N LEU A 28 4.52 -3.89 1.80
CA LEU A 28 5.36 -3.36 0.72
C LEU A 28 4.64 -3.51 -0.63
N SER A 29 4.84 -2.54 -1.51
CA SER A 29 4.24 -2.60 -2.85
C SER A 29 5.20 -2.02 -3.87
N MSE A 30 5.09 -2.55 -5.10
CA MSE A 30 5.86 -2.03 -6.22
C MSE A 30 5.03 -2.11 -7.49
O MSE A 30 4.48 -3.19 -7.78
CB MSE A 30 7.16 -2.82 -6.38
CG MSE A 30 8.05 -2.21 -7.46
SE MSE A 30 9.91 -2.67 -7.41
CE MSE A 30 9.72 -4.51 -8.01
N ALA A 31 4.87 -0.98 -8.19
CA ALA A 31 4.18 -0.98 -9.48
C ALA A 31 5.12 -1.53 -10.55
N LEU A 32 4.58 -2.40 -11.41
CA LEU A 32 5.32 -2.93 -12.56
C LEU A 32 4.81 -2.40 -13.88
N ALA A 33 3.81 -1.51 -13.86
CA ALA A 33 3.32 -0.86 -15.06
C ALA A 33 2.91 0.56 -14.73
N GLN A 34 3.12 1.44 -15.72
CA GLN A 34 2.51 2.75 -15.76
C GLN A 34 1.53 2.69 -16.93
N SER A 35 0.24 2.54 -16.61
CA SER A 35 -0.79 2.33 -17.61
C SER A 35 -2.16 2.78 -17.10
N ASP A 36 -3.00 3.27 -18.02
CA ASP A 36 -4.40 3.62 -17.73
C ASP A 36 -5.34 2.40 -17.93
N ARG A 37 -4.84 1.36 -18.62
CA ARG A 37 -5.63 0.20 -18.95
C ARG A 37 -5.40 -1.04 -18.03
N VAL A 38 -4.23 -1.10 -17.40
CA VAL A 38 -3.87 -2.25 -16.58
C VAL A 38 -3.00 -1.81 -15.44
N GLN A 39 -3.30 -2.36 -14.27
CA GLN A 39 -2.49 -2.18 -13.10
C GLN A 39 -1.80 -3.51 -12.83
N ILE A 40 -0.49 -3.47 -12.70
CA ILE A 40 0.31 -4.66 -12.40
C ILE A 40 1.18 -4.28 -11.23
N SER A 41 1.06 -5.03 -10.15
CA SER A 41 1.75 -4.69 -8.90
C SER A 41 2.26 -5.94 -8.20
N LEU A 42 3.35 -5.75 -7.47
CA LEU A 42 3.83 -6.74 -6.50
C LEU A 42 3.47 -6.23 -5.09
N PHE A 43 3.02 -7.11 -4.23
CA PHE A 43 2.69 -6.77 -2.86
C PHE A 43 3.24 -7.84 -1.95
N SER A 44 3.57 -7.43 -0.72
CA SER A 44 3.82 -8.37 0.34
C SER A 44 3.30 -7.83 1.65
N PHE A 45 2.73 -8.72 2.46
CA PHE A 45 2.40 -8.43 3.83
C PHE A 45 2.17 -9.73 4.59
N ALA A 46 1.85 -9.61 5.87
CA ALA A 46 1.66 -10.78 6.71
C ALA A 46 0.29 -10.66 7.34
N ASP A 47 -0.38 -11.79 7.47
CA ASP A 47 -1.65 -11.88 8.21
C ASP A 47 -2.69 -10.82 7.71
N GLY A 48 -3.37 -10.14 8.61
CA GLY A 48 -4.33 -9.09 8.21
C GLY A 48 -3.77 -7.68 8.28
N GLU A 49 -2.45 -7.55 8.12
CA GLU A 49 -1.77 -6.24 8.21
C GLU A 49 -2.36 -5.25 7.19
N SER A 50 -2.80 -5.75 6.04
CA SER A 50 -3.57 -4.94 5.08
C SER A 50 -5.08 -5.26 5.20
N VAL A 51 -5.48 -6.41 4.64
CA VAL A 51 -6.87 -6.93 4.69
C VAL A 51 -8.03 -5.90 4.72
N SER A 52 -8.12 -5.13 3.62
CA SER A 52 -9.32 -4.36 3.28
C SER A 52 -10.23 -5.22 2.38
N GLU A 53 -11.53 -4.99 2.45
CA GLU A 53 -12.42 -5.54 1.45
C GLU A 53 -12.31 -4.70 0.19
N GLU A 54 -12.12 -5.35 -0.96
CA GLU A 54 -11.96 -4.67 -2.23
C GLU A 54 -13.06 -5.07 -3.19
N GLU A 55 -13.33 -4.16 -4.12
CA GLU A 55 -14.29 -4.40 -5.21
C GLU A 55 -13.82 -3.57 -6.40
N TYR A 56 -13.29 -4.26 -7.41
CA TYR A 56 -12.70 -3.57 -8.53
C TYR A 56 -13.71 -3.52 -9.68
N PHE A 57 -13.50 -2.56 -10.57
CA PHE A 57 -14.42 -2.36 -11.69
C PHE A 57 -14.07 -3.31 -12.83
N GLY A 58 -12.84 -3.83 -12.80
CA GLY A 58 -12.38 -4.77 -13.77
C GLY A 58 -11.92 -6.06 -13.14
N ASP A 59 -11.68 -7.05 -13.99
CA ASP A 59 -11.17 -8.35 -13.58
C ASP A 59 -9.76 -8.24 -13.02
N THR A 60 -9.46 -9.12 -12.06
CA THR A 60 -8.17 -9.19 -11.40
C THR A 60 -7.68 -10.60 -11.38
N LEU A 61 -6.40 -10.81 -11.64
N LEU A 61 -6.39 -10.76 -11.62
CA LEU A 61 -5.76 -12.09 -11.33
CA LEU A 61 -5.67 -12.01 -11.41
C LEU A 61 -4.72 -11.89 -10.25
C LEU A 61 -4.75 -11.83 -10.19
N TYR A 62 -4.76 -12.80 -9.30
CA TYR A 62 -3.79 -12.90 -8.19
C TYR A 62 -2.90 -14.14 -8.43
N LEU A 63 -1.61 -13.96 -8.28
CA LEU A 63 -0.62 -15.03 -8.38
C LEU A 63 0.25 -15.02 -7.13
N ILE A 64 0.21 -16.12 -6.37
CA ILE A 64 0.99 -16.19 -5.15
C ILE A 64 2.43 -16.57 -5.48
N LEU A 65 3.37 -15.74 -5.05
CA LEU A 65 4.78 -15.94 -5.38
C LEU A 65 5.50 -16.72 -4.28
N GLN A 66 5.11 -16.49 -3.03
CA GLN A 66 5.79 -17.03 -1.89
C GLN A 66 4.84 -16.92 -0.73
N GLY A 67 4.88 -17.87 0.19
CA GLY A 67 3.97 -17.86 1.33
C GLY A 67 2.58 -18.33 0.98
N GLU A 68 1.71 -18.27 1.97
CA GLU A 68 0.33 -18.69 1.83
C GLU A 68 -0.60 -17.53 2.13
N ALA A 69 -1.79 -17.60 1.55
CA ALA A 69 -2.80 -16.57 1.66
C ALA A 69 -4.19 -17.20 1.68
N VAL A 70 -5.19 -16.37 1.99
CA VAL A 70 -6.58 -16.77 1.98
C VAL A 70 -7.37 -15.64 1.35
N ILE A 71 -8.27 -15.98 0.42
CA ILE A 71 -9.15 -15.00 -0.16
C ILE A 71 -10.57 -15.28 0.29
N THR A 72 -11.26 -14.21 0.70
CA THR A 72 -12.63 -14.30 1.20
C THR A 72 -13.61 -13.58 0.29
N PHE A 73 -14.73 -14.23 -0.08
CA PHE A 73 -15.83 -13.56 -0.81
C PHE A 73 -17.15 -14.27 -0.76
N ASP A 74 -18.15 -13.60 -0.19
CA ASP A 74 -19.55 -14.02 -0.31
C ASP A 74 -19.85 -15.25 0.52
N ASP A 75 -19.33 -16.43 0.08
CA ASP A 75 -19.72 -17.71 0.63
C ASP A 75 -18.55 -18.54 1.16
N GLN A 76 -17.34 -18.04 0.99
CA GLN A 76 -16.16 -18.88 0.95
C GLN A 76 -14.88 -18.23 1.38
N LYS A 77 -14.03 -19.04 2.01
CA LYS A 77 -12.62 -18.75 2.21
C LYS A 77 -11.87 -19.71 1.30
N ILE A 78 -11.09 -19.17 0.38
CA ILE A 78 -10.25 -19.95 -0.53
C ILE A 78 -8.79 -19.78 -0.12
N ASP A 79 -8.15 -20.90 0.17
CA ASP A 79 -6.74 -20.96 0.53
C ASP A 79 -5.85 -21.03 -0.71
N LEU A 80 -4.72 -20.34 -0.63
CA LEU A 80 -3.76 -20.28 -1.72
C LEU A 80 -2.35 -20.59 -1.24
N VAL A 81 -1.58 -21.26 -2.09
CA VAL A 81 -0.19 -21.64 -1.79
C VAL A 81 0.65 -21.14 -2.94
N PRO A 82 1.99 -21.11 -2.77
CA PRO A 82 2.82 -20.57 -3.84
C PRO A 82 2.57 -21.19 -5.21
N GLU A 83 2.59 -20.34 -6.23
CA GLU A 83 2.28 -20.67 -7.60
C GLU A 83 0.79 -20.65 -7.95
N ASP A 84 -0.11 -20.71 -6.98
CA ASP A 84 -1.53 -20.61 -7.30
C ASP A 84 -1.89 -19.28 -7.95
N VAL A 85 -2.81 -19.38 -8.92
CA VAL A 85 -3.47 -18.26 -9.55
C VAL A 85 -4.97 -18.39 -9.28
N LEU A 86 -5.58 -17.25 -9.06
CA LEU A 86 -7.04 -17.15 -8.98
C LEU A 86 -7.47 -15.86 -9.64
N MSE A 87 -8.53 -15.92 -10.45
CA MSE A 87 -9.11 -14.75 -11.08
C MSE A 87 -10.36 -14.37 -10.33
O MSE A 87 -11.22 -15.20 -10.05
CB MSE A 87 -9.45 -15.05 -12.54
CG MSE A 87 -9.69 -13.76 -13.36
SE MSE A 87 -11.47 -13.10 -13.28
CE MSE A 87 -12.26 -13.88 -14.84
N VAL A 88 -10.43 -13.09 -9.94
CA VAL A 88 -11.59 -12.54 -9.25
C VAL A 88 -12.26 -11.52 -10.19
N PRO A 89 -13.49 -11.80 -10.62
CA PRO A 89 -14.12 -10.96 -11.64
C PRO A 89 -14.50 -9.56 -11.14
N ALA A 90 -14.57 -8.61 -12.08
CA ALA A 90 -15.08 -7.27 -11.83
C ALA A 90 -16.30 -7.30 -10.93
N HIS A 91 -16.28 -6.41 -9.95
CA HIS A 91 -17.38 -6.21 -9.01
C HIS A 91 -17.61 -7.31 -7.98
N LYS A 92 -16.74 -8.30 -7.89
CA LYS A 92 -16.83 -9.30 -6.84
C LYS A 92 -16.08 -8.70 -5.64
N ILE A 93 -16.83 -8.51 -4.54
CA ILE A 93 -16.25 -7.99 -3.30
C ILE A 93 -15.43 -9.11 -2.68
N HIS A 94 -14.22 -8.80 -2.27
CA HIS A 94 -13.31 -9.84 -1.78
C HIS A 94 -12.26 -9.22 -0.88
N ALA A 95 -11.59 -10.06 -0.10
CA ALA A 95 -10.45 -9.64 0.72
C ALA A 95 -9.38 -10.72 0.69
N ILE A 96 -8.13 -10.31 0.81
CA ILE A 96 -7.04 -11.24 0.81
C ILE A 96 -6.21 -10.99 2.07
N ALA A 97 -5.79 -12.06 2.74
CA ALA A 97 -5.02 -12.00 3.97
C ALA A 97 -3.93 -13.03 3.89
N GLY A 98 -2.82 -12.79 4.54
CA GLY A 98 -1.73 -13.76 4.59
C GLY A 98 -2.00 -14.80 5.65
N LYS A 99 -1.50 -16.00 5.40
CA LYS A 99 -1.37 -17.01 6.44
C LYS A 99 0.11 -16.94 6.75
N GLY A 100 0.47 -16.00 7.61
CA GLY A 100 1.85 -15.59 7.75
C GLY A 100 2.23 -14.61 6.64
N ARG A 101 3.53 -14.50 6.41
CA ARG A 101 4.06 -13.64 5.37
C ARG A 101 3.79 -14.21 3.98
N PHE A 102 3.52 -13.35 3.02
CA PHE A 102 3.42 -13.79 1.62
C PHE A 102 3.73 -12.66 0.65
N LYS A 103 3.98 -13.05 -0.59
CA LYS A 103 4.23 -12.16 -1.66
C LYS A 103 3.31 -12.53 -2.81
N MSE A 104 2.84 -11.52 -3.52
N MSE A 104 2.72 -11.55 -3.47
CA MSE A 104 1.90 -11.71 -4.62
CA MSE A 104 1.89 -11.82 -4.64
C MSE A 104 2.11 -10.77 -5.80
C MSE A 104 2.05 -10.81 -5.77
O MSE A 104 2.61 -9.66 -5.65
O MSE A 104 2.45 -9.67 -5.55
CB MSE A 104 0.49 -11.48 -4.09
CB MSE A 104 0.41 -11.86 -4.23
CG MSE A 104 -0.54 -11.71 -5.15
CG MSE A 104 -0.11 -10.52 -3.85
SE MSE A 104 -1.69 -13.07 -4.57
SE MSE A 104 -1.99 -10.52 -3.52
CE MSE A 104 -2.74 -11.79 -3.60
CE MSE A 104 -2.00 -8.81 -2.65
N LEU A 105 1.69 -11.25 -6.97
CA LEU A 105 1.49 -10.39 -8.13
C LEU A 105 0.02 -10.19 -8.33
N GLN A 106 -0.39 -8.95 -8.59
N GLN A 106 -0.42 -8.97 -8.59
CA GLN A 106 -1.78 -8.63 -8.91
CA GLN A 106 -1.83 -8.71 -8.90
C GLN A 106 -1.80 -7.99 -10.29
C GLN A 106 -1.91 -7.95 -10.20
N ILE A 107 -2.73 -8.43 -11.12
CA ILE A 107 -3.00 -7.80 -12.41
C ILE A 107 -4.45 -7.43 -12.43
N THR A 108 -4.76 -6.15 -12.54
CA THR A 108 -6.14 -5.70 -12.61
C THR A 108 -6.40 -4.87 -13.87
N LEU A 109 -7.45 -5.23 -14.60
CA LEU A 109 -7.89 -4.40 -15.72
C LEU A 109 -8.65 -3.17 -15.21
N ILE A 110 -8.28 -2.01 -15.70
CA ILE A 110 -9.04 -0.80 -15.39
C ILE A 110 -9.93 -0.71 -16.63
N ASP A 111 -11.10 -1.35 -16.54
CA ASP A 111 -12.05 -1.55 -17.64
C ASP A 111 -13.02 -2.66 -17.28
N ALA B 3 -9.35 -2.19 20.99
CA ALA B 3 -8.52 -1.15 20.30
C ALA B 3 -7.17 -0.96 21.01
N ARG B 4 -6.08 -1.10 20.26
N ARG B 4 -6.08 -1.14 20.26
CA ARG B 4 -4.73 -1.06 20.80
CA ARG B 4 -4.72 -1.09 20.76
C ARG B 4 -3.80 -0.37 19.84
C ARG B 4 -3.85 -0.24 19.84
N LEU B 5 -2.74 0.24 20.38
CA LEU B 5 -1.67 0.70 19.54
C LEU B 5 -0.68 -0.45 19.38
N LYS B 6 0.08 -0.38 18.31
CA LYS B 6 1.02 -1.42 17.97
C LYS B 6 2.17 -0.91 17.12
N ASN B 7 3.20 -1.74 17.01
CA ASN B 7 4.35 -1.42 16.16
C ASN B 7 5.15 -0.23 16.62
N LEU B 8 5.06 0.09 17.91
CA LEU B 8 5.77 1.23 18.49
C LEU B 8 6.60 0.79 19.69
N PRO B 9 7.75 1.42 19.90
CA PRO B 9 8.62 1.08 21.02
C PRO B 9 7.97 1.49 22.32
N GLN B 10 8.14 0.61 23.32
CA GLN B 10 7.70 0.90 24.71
C GLN B 10 8.86 1.01 25.70
N GLU B 11 10.01 0.45 25.36
CA GLU B 11 11.12 0.35 26.35
C GLU B 11 12.10 1.52 26.25
N ARG B 12 12.21 2.08 25.06
CA ARG B 12 13.03 3.22 24.79
C ARG B 12 12.43 3.92 23.59
N PRO B 13 12.67 5.23 23.50
CA PRO B 13 12.11 5.99 22.39
C PRO B 13 12.92 5.77 21.12
N LEU B 14 12.24 5.96 19.99
CA LEU B 14 12.91 5.93 18.71
C LEU B 14 12.35 7.07 17.85
N PRO B 15 13.14 7.58 16.89
CA PRO B 15 12.62 8.56 15.96
C PRO B 15 11.50 7.92 15.14
N LEU B 16 10.37 8.60 15.08
CA LEU B 16 9.20 8.06 14.43
C LEU B 16 9.51 7.65 12.97
N ALA B 17 10.21 8.51 12.25
CA ALA B 17 10.50 8.26 10.84
C ALA B 17 11.44 7.06 10.66
N SER B 18 12.24 6.74 11.69
CA SER B 18 13.12 5.57 11.61
C SER B 18 12.42 4.20 11.58
N LEU B 19 11.13 4.14 11.90
CA LEU B 19 10.41 2.89 12.00
C LEU B 19 10.02 2.33 10.64
N ILE B 20 10.16 3.14 9.61
N ILE B 20 10.08 3.16 9.59
CA ILE B 20 9.76 2.71 8.26
CA ILE B 20 9.74 2.71 8.20
C ILE B 20 10.75 3.25 7.23
C ILE B 20 10.94 3.02 7.26
N GLU B 21 11.34 2.37 6.45
N GLU B 21 11.22 2.23 6.22
CA GLU B 21 12.17 2.93 5.41
CA GLU B 21 12.20 2.71 5.18
C GLU B 21 11.44 2.60 4.11
C GLU B 21 12.07 1.97 3.88
N ALA B 22 12.10 2.45 2.97
N ALA B 22 11.47 2.60 2.85
CA ALA B 22 11.41 1.87 1.77
CA ALA B 22 11.21 1.90 1.57
C ALA B 22 12.46 1.70 0.71
C ALA B 22 12.54 1.60 0.87
N ARG B 23 12.51 0.54 0.07
CA ARG B 23 13.42 0.35 -0.98
C ARG B 23 13.07 1.28 -2.15
N GLU B 24 14.06 1.46 -3.02
CA GLU B 24 13.88 2.21 -4.23
C GLU B 24 12.71 1.61 -5.01
N ASN B 25 11.94 2.49 -5.61
CA ASN B 25 10.80 2.13 -6.47
C ASN B 25 9.61 1.49 -5.73
N GLN B 26 9.60 1.58 -4.39
CA GLN B 26 8.58 0.92 -3.61
C GLN B 26 7.88 1.89 -2.68
N VAL B 27 6.71 1.48 -2.23
CA VAL B 27 5.98 2.17 -1.15
C VAL B 27 5.86 1.18 -0.01
N LEU B 28 6.15 1.65 1.20
N LEU B 28 6.16 1.65 1.20
CA LEU B 28 6.05 0.82 2.39
CA LEU B 28 6.04 0.81 2.42
C LEU B 28 5.08 1.51 3.34
C LEU B 28 5.19 1.49 3.44
N SER B 29 4.26 0.73 4.02
CA SER B 29 3.42 1.25 5.09
C SER B 29 3.43 0.37 6.32
N MSE B 30 3.11 0.98 7.47
N MSE B 30 2.93 0.95 7.41
CA MSE B 30 2.97 0.25 8.75
CA MSE B 30 2.95 0.32 8.71
C MSE B 30 1.83 0.84 9.54
C MSE B 30 1.77 0.87 9.50
O MSE B 30 1.79 2.07 9.72
O MSE B 30 1.61 2.09 9.60
CB MSE B 30 4.25 0.32 9.58
CB MSE B 30 4.28 0.62 9.41
CG MSE B 30 4.25 -0.58 10.78
CG MSE B 30 4.25 0.52 10.92
SE MSE B 30 5.97 -0.86 11.58
SE MSE B 30 6.04 0.35 11.66
CE MSE B 30 6.20 0.95 12.24
CE MSE B 30 6.03 -1.59 11.53
N ALA B 31 0.94 -0.02 10.03
CA ALA B 31 -0.18 0.34 10.90
C ALA B 31 0.33 0.51 12.33
N LEU B 32 -0.11 1.59 12.96
CA LEU B 32 0.19 1.86 14.36
C LEU B 32 -1.00 1.62 15.29
N ALA B 33 -2.16 1.34 14.74
CA ALA B 33 -3.34 1.10 15.52
C ALA B 33 -4.12 -0.12 15.06
N GLN B 34 -4.64 -0.91 16.00
CA GLN B 34 -5.59 -1.97 15.67
C GLN B 34 -6.92 -1.40 16.16
N SER B 35 -7.72 -0.87 15.25
CA SER B 35 -8.88 -0.07 15.65
C SER B 35 -10.00 0.02 14.61
N ASP B 36 -11.23 0.02 15.15
CA ASP B 36 -12.50 0.18 14.42
C ASP B 36 -12.82 1.66 14.11
N ARG B 37 -12.23 2.56 14.89
CA ARG B 37 -12.55 3.99 14.77
C ARG B 37 -11.45 4.85 14.06
N VAL B 38 -10.21 4.41 14.10
CA VAL B 38 -9.12 5.27 13.65
C VAL B 38 -8.05 4.44 12.99
N GLN B 39 -7.57 4.96 11.87
CA GLN B 39 -6.50 4.33 11.14
C GLN B 39 -5.31 5.25 11.29
N ILE B 40 -4.22 4.73 11.85
CA ILE B 40 -2.99 5.48 12.06
C ILE B 40 -1.92 4.71 11.33
N SER B 41 -1.26 5.35 10.36
CA SER B 41 -0.34 4.65 9.46
C SER B 41 0.87 5.47 9.20
N LEU B 42 2.03 4.81 9.11
CA LEU B 42 3.26 5.42 8.65
C LEU B 42 3.50 4.96 7.24
N PHE B 43 3.98 5.87 6.37
CA PHE B 43 4.26 5.55 4.98
C PHE B 43 5.64 6.05 4.66
N SER B 44 6.39 5.26 3.90
CA SER B 44 7.63 5.68 3.29
C SER B 44 7.48 5.47 1.79
N PHE B 45 7.57 6.56 1.03
CA PHE B 45 7.53 6.52 -0.44
C PHE B 45 8.91 6.69 -1.02
N ALA B 46 9.27 5.83 -1.95
CA ALA B 46 10.49 6.08 -2.73
C ALA B 46 10.32 7.30 -3.64
N ASP B 47 11.45 7.72 -4.22
N ASP B 47 11.43 7.67 -4.24
CA ASP B 47 11.54 8.92 -5.03
CA ASP B 47 11.55 8.82 -5.14
C ASP B 47 10.28 9.32 -5.82
C ASP B 47 10.48 8.85 -6.25
N GLY B 48 10.00 8.63 -6.94
N GLY B 48 9.57 9.82 -6.20
CA GLY B 48 8.89 9.01 -7.82
CA GLY B 48 8.52 9.98 -7.21
C GLY B 48 7.46 8.85 -7.28
C GLY B 48 7.43 8.90 -7.25
N GLU B 49 7.32 8.11 -6.18
CA GLU B 49 6.11 7.32 -5.93
C GLU B 49 4.97 8.17 -5.40
N SER B 50 3.80 7.57 -5.37
CA SER B 50 2.60 8.28 -5.02
C SER B 50 1.49 7.37 -4.51
N VAL B 51 0.54 8.00 -3.83
CA VAL B 51 -0.77 7.43 -3.54
C VAL B 51 -1.70 8.09 -4.56
N SER B 52 -2.29 7.28 -5.41
CA SER B 52 -3.25 7.77 -6.38
C SER B 52 -4.51 8.26 -5.65
N GLU B 53 -5.46 8.78 -6.42
CA GLU B 53 -6.66 9.37 -5.87
C GLU B 53 -7.41 8.52 -4.83
N GLU B 54 -7.68 9.12 -3.69
CA GLU B 54 -8.46 8.49 -2.67
C GLU B 54 -9.50 9.46 -2.16
N GLU B 55 -10.55 8.91 -1.57
CA GLU B 55 -11.51 9.67 -0.80
C GLU B 55 -11.90 8.79 0.37
N TYR B 56 -11.93 9.36 1.56
CA TYR B 56 -12.21 8.59 2.75
C TYR B 56 -13.54 9.02 3.34
N PHE B 57 -14.15 8.11 4.09
CA PHE B 57 -15.39 8.35 4.76
C PHE B 57 -15.21 9.01 6.13
N GLY B 58 -14.03 9.53 6.38
CA GLY B 58 -13.82 10.41 7.51
C GLY B 58 -12.67 11.36 7.24
N ASP B 59 -12.52 12.35 8.13
CA ASP B 59 -11.39 13.31 8.04
C ASP B 59 -10.07 12.63 8.21
N THR B 60 -9.09 13.19 7.51
CA THR B 60 -7.72 12.73 7.54
C THR B 60 -6.73 13.85 7.87
N LEU B 61 -5.72 13.53 8.64
CA LEU B 61 -4.59 14.43 8.73
C LEU B 61 -3.33 13.75 8.22
N TYR B 62 -2.51 14.54 7.53
CA TYR B 62 -1.20 14.15 7.05
C TYR B 62 -0.15 14.98 7.73
N LEU B 63 0.87 14.30 8.27
CA LEU B 63 1.99 14.98 8.88
C LEU B 63 3.25 14.50 8.17
N ILE B 64 4.00 15.41 7.54
CA ILE B 64 5.23 15.04 6.84
C ILE B 64 6.40 14.92 7.83
N LEU B 65 7.03 13.72 7.86
CA LEU B 65 8.11 13.43 8.77
C LEU B 65 9.47 13.65 8.19
N GLN B 66 9.61 13.46 6.88
CA GLN B 66 10.88 13.53 6.20
C GLN B 66 10.61 13.72 4.72
N GLY B 67 11.44 14.52 4.05
CA GLY B 67 11.30 14.71 2.64
C GLY B 67 10.19 15.69 2.29
N GLU B 68 9.88 15.73 1.00
CA GLU B 68 8.88 16.66 0.43
C GLU B 68 7.86 15.93 -0.42
N ALA B 69 6.66 16.48 -0.46
CA ALA B 69 5.56 15.85 -1.20
C ALA B 69 4.68 16.96 -1.77
N VAL B 70 3.78 16.56 -2.66
CA VAL B 70 2.79 17.46 -3.22
C VAL B 70 1.45 16.80 -3.05
N ILE B 71 0.49 17.53 -2.46
CA ILE B 71 -0.87 17.04 -2.33
C ILE B 71 -1.78 17.82 -3.26
N THR B 72 -2.66 17.11 -3.96
CA THR B 72 -3.60 17.73 -4.88
C THR B 72 -5.04 17.39 -4.48
N PHE B 73 -5.91 18.39 -4.56
CA PHE B 73 -7.34 18.16 -4.35
C PHE B 73 -8.05 19.32 -4.96
N ASP B 74 -9.27 19.09 -5.42
CA ASP B 74 -10.03 20.13 -6.12
C ASP B 74 -9.06 20.71 -7.18
N ASP B 75 -8.80 22.02 -7.15
CA ASP B 75 -7.91 22.64 -8.14
C ASP B 75 -6.57 23.09 -7.56
N GLN B 76 -6.22 22.55 -6.41
CA GLN B 76 -5.03 22.94 -5.65
C GLN B 76 -3.90 21.94 -5.82
N LYS B 77 -2.66 22.43 -5.83
CA LYS B 77 -1.44 21.62 -5.83
C LYS B 77 -0.53 22.23 -4.77
N ILE B 78 -0.40 21.53 -3.65
CA ILE B 78 0.19 22.13 -2.44
C ILE B 78 1.48 21.41 -2.07
N ASP B 79 2.57 22.15 -2.00
CA ASP B 79 3.85 21.60 -1.60
C ASP B 79 3.96 21.45 -0.10
N LEU B 80 4.49 20.30 0.32
CA LEU B 80 4.61 19.95 1.69
C LEU B 80 6.08 19.66 2.04
N VAL B 81 6.49 20.11 3.21
CA VAL B 81 7.83 19.90 3.69
C VAL B 81 7.80 19.30 5.10
N PRO B 82 8.93 18.83 5.62
CA PRO B 82 8.86 18.20 6.94
C PRO B 82 8.26 19.08 8.03
N GLU B 83 7.46 18.46 8.90
CA GLU B 83 6.74 19.06 10.01
C GLU B 83 5.40 19.60 9.57
N ASP B 84 5.18 19.77 8.26
CA ASP B 84 3.88 20.26 7.78
C ASP B 84 2.76 19.31 8.14
N VAL B 85 1.64 19.87 8.59
CA VAL B 85 0.39 19.16 8.76
C VAL B 85 -0.68 19.80 7.86
N LEU B 86 -1.59 18.95 7.38
CA LEU B 86 -2.72 19.39 6.60
C LEU B 86 -3.84 18.44 6.87
N MSE B 87 -5.04 18.97 7.06
CA MSE B 87 -6.21 18.16 7.26
C MSE B 87 -7.01 18.14 5.95
O MSE B 87 -7.28 19.19 5.33
CB MSE B 87 -7.03 18.68 8.42
CG MSE B 87 -8.14 17.75 8.86
SE MSE B 87 -9.77 17.75 7.92
CE MSE B 87 -10.81 18.83 9.15
N VAL B 88 -7.41 16.94 5.54
CA VAL B 88 -8.21 16.74 4.32
C VAL B 88 -9.54 16.14 4.74
N PRO B 89 -10.63 16.90 4.55
CA PRO B 89 -11.91 16.47 5.09
C PRO B 89 -12.51 15.27 4.38
N ALA B 90 -13.37 14.57 5.10
CA ALA B 90 -14.11 13.44 4.57
C ALA B 90 -14.69 13.72 3.19
N HIS B 91 -14.58 12.73 2.32
CA HIS B 91 -15.07 12.74 0.95
C HIS B 91 -14.41 13.71 0.00
N LYS B 92 -13.32 14.34 0.40
CA LYS B 92 -12.54 15.16 -0.51
C LYS B 92 -11.56 14.22 -1.24
N ILE B 93 -11.74 14.12 -2.57
CA ILE B 93 -10.85 13.30 -3.37
C ILE B 93 -9.50 14.00 -3.45
N HIS B 94 -8.44 13.25 -3.19
CA HIS B 94 -7.12 13.86 -3.17
C HIS B 94 -6.05 12.85 -3.54
N ALA B 95 -4.88 13.36 -3.91
CA ALA B 95 -3.73 12.49 -4.21
C ALA B 95 -2.47 13.10 -3.63
N ILE B 96 -1.48 12.24 -3.33
CA ILE B 96 -0.21 12.70 -2.82
C ILE B 96 0.93 12.08 -3.64
N ALA B 97 1.93 12.88 -4.01
CA ALA B 97 3.10 12.38 -4.75
C ALA B 97 4.38 12.88 -4.09
N GLY B 98 5.40 12.03 -4.08
CA GLY B 98 6.68 12.40 -3.53
C GLY B 98 7.44 13.31 -4.46
N LYS B 99 8.10 14.30 -3.88
CA LYS B 99 9.14 15.08 -4.57
C LYS B 99 10.46 14.56 -4.02
N GLY B 100 10.94 13.49 -4.60
CA GLY B 100 11.98 12.73 -3.94
C GLY B 100 11.31 11.80 -2.94
N ARG B 101 12.14 11.13 -2.16
CA ARG B 101 11.64 10.20 -1.15
C ARG B 101 11.00 11.01 -0.02
N PHE B 102 9.93 10.49 0.56
CA PHE B 102 9.35 11.13 1.73
C PHE B 102 8.67 10.13 2.66
N LYS B 103 8.45 10.54 3.89
CA LYS B 103 7.75 9.73 4.89
C LYS B 103 6.68 10.59 5.54
N MSE B 104 5.56 9.96 5.88
CA MSE B 104 4.48 10.69 6.54
C MSE B 104 3.72 9.80 7.50
O MSE B 104 3.77 8.58 7.42
CB MSE B 104 3.48 11.26 5.52
CG MSE B 104 2.75 10.26 4.77
SE MSE B 104 1.47 11.03 3.51
CE MSE B 104 0.57 9.44 3.13
N LEU B 105 3.04 10.48 8.40
CA LEU B 105 2.03 9.90 9.27
C LEU B 105 0.67 10.32 8.73
N GLN B 106 -0.20 9.35 8.58
CA GLN B 106 -1.58 9.55 8.23
C GLN B 106 -2.50 9.12 9.36
N ILE B 107 -3.41 9.99 9.74
CA ILE B 107 -4.51 9.59 10.64
C ILE B 107 -5.85 9.85 10.02
N THR B 108 -6.63 8.79 9.88
CA THR B 108 -7.96 8.91 9.24
C THR B 108 -8.96 8.39 10.25
N LEU B 109 -10.05 9.12 10.47
N LEU B 109 -9.88 9.29 10.63
CA LEU B 109 -11.18 8.54 11.21
CA LEU B 109 -10.90 9.03 11.62
C LEU B 109 -12.08 7.66 10.31
C LEU B 109 -12.22 8.73 10.92
N ILE B 110 -12.66 6.62 10.86
N ILE B 110 -12.58 7.45 10.87
CA ILE B 110 -13.87 6.11 10.21
CA ILE B 110 -13.94 7.04 10.46
C ILE B 110 -14.94 6.06 11.29
C ILE B 110 -14.86 7.54 11.60
N ASP B 111 -15.95 6.91 11.16
N ASP B 111 -15.86 8.40 11.37
CA ASP B 111 -16.18 7.68 9.93
CA ASP B 111 -16.78 8.37 10.21
C ASP B 111 -15.99 9.18 10.15
C ASP B 111 -17.62 9.65 10.13
C1 GOL C . 9.94 -0.85 17.33
O1 GOL C . 10.43 -1.75 16.36
C2 GOL C . 10.29 -1.47 18.68
O2 GOL C . 11.57 -2.05 18.59
C3 GOL C . 9.23 -2.46 19.15
O3 GOL C . 8.39 -2.87 18.09
#